data_3P0S
#
_entry.id   3P0S
#
_cell.length_a   245.400
_cell.length_b   245.600
_cell.length_c   245.700
_cell.angle_alpha   59.980
_cell.angle_beta   67.930
_cell.angle_gamma   72.270
#
_symmetry.space_group_name_H-M   'P 1'
#
_entity_poly.entity_id   1
_entity_poly.type   'polypeptide(L)'
_entity_poly.pdbx_seq_one_letter_code
;MSEDIQPMETVGATDTGAGAQVDPRTGGQAAGGSGGMGAGGSANDGRQDIFSGAPQPNQHHTLVYGKSYHFTITNGLPEF
RHLATTNSGYYAQQRFKHIHGIPWERLLMYVSEGELLRMFRDYTSLKVEEVVCEVYSLGVRLPFVTSATTSSVANANAQY
PIGCFHFDEAYETNYGINNVADIINKALGTEWKNATRPTAAVTTAWSEQFPNISASSTSRDINNPVIVDYSLPYFENNVP
KDVGIYDYVDIKNGTTAYGKCWEKRFKPTNGLLYAESTLKGNVVTPLAAQPTNIMTPIPGLENGYFMSNDQIRERRDLTT
SVPPVALTATKLNQSASNNLNAFVDYMGYNYFGEQKCAPQSMPKFMIGFVNIRNEDNSLLNAKWDILIKTRIRLTGLQST
REWVARTDRIPPQYFTSQYTQFRYPNINETPLLRSLGTFKLPTKRPGMDSRIAAGRAAETTQDEFIDAQKKLRHKSALLP
IIEKPVTRSSKLNK
;
_entity_poly.pdbx_strand_id   A
#
# COMPACT_ATOMS: atom_id res chain seq x y z
N ALA A 43 50.36 -20.24 26.70
CA ALA A 43 50.61 -18.80 27.08
C ALA A 43 51.89 -18.29 26.43
N ASN A 44 51.77 -17.84 25.18
CA ASN A 44 52.90 -17.31 24.42
C ASN A 44 54.07 -18.28 24.34
N ASP A 45 53.77 -19.49 23.85
CA ASP A 45 54.77 -20.53 23.67
C ASP A 45 55.17 -20.60 22.20
N GLY A 46 55.00 -19.47 21.51
CA GLY A 46 55.33 -19.40 20.11
C GLY A 46 54.37 -20.23 19.27
N ARG A 47 53.18 -20.42 19.81
CA ARG A 47 52.19 -21.23 19.13
C ARG A 47 50.88 -20.45 18.95
N GLN A 48 50.83 -19.25 19.52
CA GLN A 48 49.64 -18.41 19.42
C GLN A 48 49.58 -17.61 18.13
N ASP A 49 48.37 -17.21 17.74
CA ASP A 49 48.17 -16.47 16.50
C ASP A 49 48.88 -15.12 16.49
N ILE A 50 49.40 -14.79 15.33
CA ILE A 50 50.14 -13.56 15.09
C ILE A 50 49.26 -12.52 14.39
N PHE A 51 48.33 -13.02 13.59
CA PHE A 51 47.42 -12.19 12.83
C PHE A 51 46.07 -12.90 12.81
N SER A 52 45.00 -12.13 12.87
CA SER A 52 43.66 -12.70 12.85
C SER A 52 42.75 -11.79 12.03
N GLY A 53 42.48 -12.20 10.80
CA GLY A 53 41.65 -11.39 9.91
C GLY A 53 40.16 -11.49 10.14
N ALA A 54 39.44 -10.54 9.55
CA ALA A 54 37.99 -10.46 9.65
C ALA A 54 37.49 -9.48 8.57
N PRO A 55 36.37 -9.82 7.90
CA PRO A 55 35.79 -8.99 6.85
C PRO A 55 35.19 -7.69 7.38
N GLN A 56 34.82 -6.79 6.46
CA GLN A 56 34.20 -5.53 6.84
C GLN A 56 32.75 -5.89 7.14
N PRO A 57 32.03 -5.01 7.87
CA PRO A 57 30.63 -5.28 8.21
C PRO A 57 29.68 -5.04 7.04
N ASN A 58 28.42 -5.42 7.23
CA ASN A 58 27.41 -5.15 6.20
C ASN A 58 26.97 -3.75 6.60
N GLN A 59 26.35 -3.02 5.69
CA GLN A 59 25.89 -1.69 6.04
C GLN A 59 24.45 -1.77 6.53
N HIS A 60 24.14 -1.00 7.55
CA HIS A 60 22.79 -0.96 8.11
C HIS A 60 22.41 0.50 8.27
N HIS A 61 21.55 0.99 7.38
CA HIS A 61 21.11 2.37 7.45
C HIS A 61 19.65 2.45 7.84
N THR A 62 19.29 3.52 8.56
CA THR A 62 17.91 3.69 8.96
C THR A 62 17.41 5.01 8.38
N LEU A 63 16.26 4.95 7.71
CA LEU A 63 15.66 6.13 7.09
C LEU A 63 14.40 6.55 7.81
N VAL A 64 14.19 7.85 7.92
CA VAL A 64 13.02 8.40 8.58
C VAL A 64 12.44 9.53 7.74
N TYR A 65 11.22 9.32 7.23
CA TYR A 65 10.54 10.30 6.40
C TYR A 65 9.14 10.57 6.93
N GLY A 66 8.51 11.62 6.40
CA GLY A 66 7.17 11.96 6.85
C GLY A 66 6.58 13.16 6.13
N LYS A 67 5.26 13.18 6.02
CA LYS A 67 4.54 14.26 5.35
C LYS A 67 3.28 14.65 6.11
N SER A 68 2.71 15.79 5.74
CA SER A 68 1.47 16.26 6.35
C SER A 68 0.58 16.75 5.22
N TYR A 69 -0.71 16.42 5.28
CA TYR A 69 -1.64 16.81 4.23
C TYR A 69 -2.91 17.41 4.78
N HIS A 70 -3.62 18.14 3.92
CA HIS A 70 -4.89 18.74 4.27
C HIS A 70 -5.91 18.28 3.23
N PHE A 71 -6.81 17.40 3.64
CA PHE A 71 -7.82 16.86 2.74
C PHE A 71 -9.22 17.25 3.21
N THR A 72 -10.19 17.09 2.32
CA THR A 72 -11.59 17.38 2.61
C THR A 72 -12.41 16.24 2.02
N ILE A 73 -13.38 15.74 2.80
CA ILE A 73 -14.22 14.66 2.34
C ILE A 73 -15.69 15.01 2.62
N THR A 74 -16.61 14.35 1.92
CA THR A 74 -18.02 14.64 2.11
C THR A 74 -18.96 13.44 2.23
N ASN A 75 -20.20 13.75 2.54
CA ASN A 75 -21.28 12.77 2.69
C ASN A 75 -21.48 11.92 1.46
N GLY A 76 -22.33 10.91 1.60
CA GLY A 76 -22.63 10.02 0.51
C GLY A 76 -23.55 8.93 1.00
N LEU A 77 -24.63 8.69 0.28
CA LEU A 77 -25.59 7.65 0.64
C LEU A 77 -25.01 6.30 0.20
N PRO A 78 -25.42 5.21 0.85
CA PRO A 78 -24.91 3.89 0.47
C PRO A 78 -25.53 3.44 -0.86
N GLU A 79 -24.79 2.69 -1.65
CA GLU A 79 -25.29 2.20 -2.91
C GLU A 79 -24.83 0.77 -3.16
N PHE A 80 -25.54 0.05 -4.01
CA PHE A 80 -25.20 -1.33 -4.31
C PHE A 80 -25.25 -1.65 -5.79
N ARG A 81 -24.65 -2.77 -6.15
CA ARG A 81 -24.61 -3.25 -7.53
C ARG A 81 -24.10 -4.67 -7.49
N HIS A 82 -24.08 -5.30 -8.65
CA HIS A 82 -23.57 -6.66 -8.78
C HIS A 82 -22.48 -6.57 -9.81
N LEU A 83 -21.34 -7.21 -9.54
CA LEU A 83 -20.20 -7.16 -10.44
C LEU A 83 -19.92 -8.49 -11.11
N ALA A 84 -19.81 -8.46 -12.44
CA ALA A 84 -19.50 -9.66 -13.20
C ALA A 84 -18.09 -9.47 -13.72
N THR A 85 -17.27 -10.52 -13.64
CA THR A 85 -15.90 -10.43 -14.12
C THR A 85 -15.52 -11.64 -14.95
N THR A 86 -14.34 -11.59 -15.58
CA THR A 86 -13.90 -12.71 -16.39
C THR A 86 -13.81 -13.96 -15.51
N ASN A 87 -13.85 -15.13 -16.14
CA ASN A 87 -13.80 -16.39 -15.42
C ASN A 87 -15.09 -16.60 -14.63
N SER A 88 -16.18 -16.02 -15.14
CA SER A 88 -17.49 -16.14 -14.52
C SER A 88 -17.57 -15.61 -13.08
N GLY A 89 -16.73 -14.64 -12.75
CA GLY A 89 -16.77 -14.08 -11.42
C GLY A 89 -18.02 -13.25 -11.21
N TYR A 90 -18.65 -13.43 -10.05
CA TYR A 90 -19.87 -12.68 -9.72
C TYR A 90 -19.78 -12.26 -8.26
N TYR A 91 -20.02 -10.98 -8.01
CA TYR A 91 -19.94 -10.45 -6.65
C TYR A 91 -21.05 -9.45 -6.37
N ALA A 92 -21.49 -9.41 -5.12
CA ALA A 92 -22.50 -8.45 -4.70
C ALA A 92 -21.68 -7.37 -4.03
N GLN A 93 -21.83 -6.13 -4.48
CA GLN A 93 -21.06 -5.04 -3.90
C GLN A 93 -21.88 -3.96 -3.25
N GLN A 94 -21.37 -3.43 -2.14
CA GLN A 94 -22.04 -2.38 -1.40
C GLN A 94 -21.00 -1.31 -1.08
N ARG A 95 -21.18 -0.13 -1.67
CA ARG A 95 -20.25 0.98 -1.46
C ARG A 95 -20.79 2.05 -0.54
N PHE A 96 -20.03 2.36 0.51
CA PHE A 96 -20.41 3.36 1.48
C PHE A 96 -19.75 4.69 1.13
N LYS A 97 -20.47 5.52 0.38
CA LYS A 97 -19.97 6.81 -0.04
C LYS A 97 -19.72 7.83 1.05
N HIS A 98 -19.99 7.44 2.31
CA HIS A 98 -19.77 8.33 3.42
C HIS A 98 -18.65 7.83 4.33
N ILE A 99 -18.04 6.71 3.93
CA ILE A 99 -16.92 6.12 4.67
C ILE A 99 -15.72 6.06 3.75
N HIS A 100 -14.73 6.91 4.00
CA HIS A 100 -13.54 6.95 3.16
C HIS A 100 -12.33 6.32 3.82
N GLY A 101 -11.43 5.79 3.00
CA GLY A 101 -10.24 5.16 3.55
C GLY A 101 -8.95 5.88 3.20
N ILE A 102 -8.11 6.07 4.21
CA ILE A 102 -6.81 6.71 4.01
C ILE A 102 -5.89 5.59 3.53
N PRO A 103 -5.26 5.76 2.36
CA PRO A 103 -4.35 4.75 1.81
C PRO A 103 -3.02 4.73 2.55
N TRP A 104 -3.06 4.52 3.87
CA TRP A 104 -1.82 4.51 4.63
C TRP A 104 -1.00 3.26 4.35
N GLU A 105 -1.51 2.40 3.47
CA GLU A 105 -0.80 1.18 3.10
C GLU A 105 0.18 1.52 1.99
N ARG A 106 -0.05 2.66 1.34
CA ARG A 106 0.79 3.12 0.24
C ARG A 106 2.04 3.85 0.71
N LEU A 107 3.20 3.38 0.26
CA LEU A 107 4.48 3.97 0.62
C LEU A 107 4.57 5.44 0.24
N LEU A 108 3.93 5.81 -0.86
CA LEU A 108 3.96 7.19 -1.34
C LEU A 108 3.27 8.19 -0.42
N MET A 109 2.58 7.68 0.59
CA MET A 109 1.89 8.54 1.56
C MET A 109 2.90 9.10 2.57
N TYR A 110 4.07 8.47 2.63
CA TYR A 110 5.12 8.87 3.57
C TYR A 110 6.32 9.46 2.86
N VAL A 111 6.62 8.91 1.69
CA VAL A 111 7.76 9.30 0.89
C VAL A 111 7.35 9.90 -0.45
N SER A 112 8.12 10.88 -0.92
CA SER A 112 7.83 11.48 -2.22
C SER A 112 8.44 10.60 -3.30
N GLU A 113 7.99 10.76 -4.54
CA GLU A 113 8.52 9.95 -5.63
C GLU A 113 10.03 10.04 -5.73
N GLY A 114 10.59 11.20 -5.42
CA GLY A 114 12.03 11.36 -5.49
C GLY A 114 12.75 10.56 -4.42
N GLU A 115 12.27 10.65 -3.20
CA GLU A 115 12.87 9.93 -2.08
C GLU A 115 12.68 8.42 -2.27
N LEU A 116 11.59 8.04 -2.92
CA LEU A 116 11.32 6.63 -3.16
C LEU A 116 12.32 6.08 -4.17
N LEU A 117 12.54 6.82 -5.26
CA LEU A 117 13.49 6.41 -6.29
C LEU A 117 14.86 6.11 -5.70
N ARG A 118 15.35 7.02 -4.88
CA ARG A 118 16.66 6.87 -4.25
C ARG A 118 16.72 5.65 -3.34
N MET A 119 15.85 5.59 -2.35
CA MET A 119 15.87 4.45 -1.42
C MET A 119 15.62 3.11 -2.09
N PHE A 120 15.14 3.15 -3.32
CA PHE A 120 14.87 1.91 -4.04
C PHE A 120 16.09 1.41 -4.81
N ARG A 121 17.11 2.24 -4.93
CA ARG A 121 18.32 1.84 -5.64
C ARG A 121 19.51 1.71 -4.70
N ASP A 122 19.43 2.35 -3.54
CA ASP A 122 20.52 2.35 -2.59
C ASP A 122 20.84 1.09 -1.79
N TYR A 123 19.88 0.19 -1.61
CA TYR A 123 20.14 -0.98 -0.78
C TYR A 123 19.98 -2.37 -1.38
N THR A 124 20.48 -3.36 -0.64
CA THR A 124 20.40 -4.76 -1.01
C THR A 124 18.97 -5.20 -0.70
N SER A 125 18.44 -4.65 0.38
CA SER A 125 17.07 -4.93 0.82
C SER A 125 16.63 -3.78 1.70
N LEU A 126 15.34 -3.44 1.62
CA LEU A 126 14.77 -2.36 2.41
C LEU A 126 13.52 -2.82 3.14
N LYS A 127 13.50 -2.63 4.46
CA LYS A 127 12.35 -3.04 5.25
C LYS A 127 11.69 -1.90 6.00
N VAL A 128 10.37 -1.92 6.06
CA VAL A 128 9.62 -0.91 6.77
C VAL A 128 9.57 -1.36 8.23
N GLU A 129 10.00 -0.48 9.13
CA GLU A 129 10.01 -0.81 10.55
C GLU A 129 8.70 -0.41 11.21
N GLU A 130 8.21 0.75 10.84
CA GLU A 130 6.98 1.26 11.43
C GLU A 130 6.38 2.42 10.64
N VAL A 131 5.07 2.48 10.60
CA VAL A 131 4.36 3.56 9.92
C VAL A 131 3.33 4.12 10.89
N VAL A 132 3.20 5.44 10.91
CA VAL A 132 2.25 6.10 11.78
C VAL A 132 1.41 7.06 10.95
N CYS A 133 0.13 7.15 11.28
CA CYS A 133 -0.77 8.04 10.56
C CYS A 133 -1.72 8.70 11.55
N GLU A 134 -1.63 10.01 11.68
CA GLU A 134 -2.48 10.76 12.59
C GLU A 134 -3.53 11.54 11.81
N VAL A 135 -4.72 11.63 12.37
CA VAL A 135 -5.79 12.38 11.71
C VAL A 135 -6.35 13.44 12.64
N TYR A 136 -6.31 14.68 12.17
CA TYR A 136 -6.80 15.82 12.93
C TYR A 136 -8.05 16.33 12.24
N SER A 137 -9.06 16.70 13.04
CA SER A 137 -10.29 17.22 12.48
C SER A 137 -10.34 18.74 12.65
N LEU A 138 -10.70 19.44 11.57
CA LEU A 138 -10.81 20.89 11.62
C LEU A 138 -12.28 21.29 11.57
N GLY A 139 -13.16 20.32 11.85
CA GLY A 139 -14.58 20.59 11.86
C GLY A 139 -15.37 20.01 10.70
N VAL A 140 -16.67 19.84 10.92
CA VAL A 140 -17.59 19.33 9.92
C VAL A 140 -18.63 20.42 9.68
N ARG A 141 -18.54 21.08 8.52
CA ARG A 141 -19.44 22.18 8.20
C ARG A 141 -20.48 21.89 7.13
N LEU A 142 -21.45 22.78 7.03
CA LEU A 142 -22.54 22.70 6.06
C LEU A 142 -23.29 24.05 6.04
N PRO A 143 -24.00 24.34 4.94
CA PRO A 143 -24.76 25.59 4.80
C PRO A 143 -25.88 25.79 5.81
N PHE A 144 -26.15 27.05 6.14
CA PHE A 144 -27.23 27.41 7.06
C PHE A 144 -28.52 27.24 6.27
N VAL A 145 -28.45 27.57 4.99
CA VAL A 145 -29.57 27.47 4.07
C VAL A 145 -29.02 26.99 2.73
N THR A 146 -29.64 25.95 2.18
CA THR A 146 -29.18 25.42 0.89
C THR A 146 -29.58 26.32 -0.27
N SER A 147 -28.57 26.80 -0.99
CA SER A 147 -28.76 27.67 -2.14
C SER A 147 -28.23 26.96 -3.39
N ALA A 148 -29.09 26.87 -4.41
CA ALA A 148 -28.71 26.22 -5.66
C ALA A 148 -27.53 26.91 -6.34
N THR A 149 -27.36 28.20 -6.03
CA THR A 149 -26.27 28.97 -6.62
C THR A 149 -25.16 29.34 -5.64
N THR A 150 -25.36 30.44 -4.91
CA THR A 150 -24.38 30.93 -3.95
C THR A 150 -24.42 30.23 -2.59
N SER A 151 -24.12 28.93 -2.58
CA SER A 151 -24.13 28.17 -1.33
C SER A 151 -22.83 28.42 -0.56
N SER A 152 -22.91 28.34 0.76
CA SER A 152 -21.76 28.57 1.63
C SER A 152 -21.78 27.66 2.85
N VAL A 153 -20.69 26.91 3.03
CA VAL A 153 -20.57 25.97 4.14
C VAL A 153 -20.16 26.73 5.41
N ALA A 154 -21.01 27.65 5.85
CA ALA A 154 -20.72 28.48 7.01
C ALA A 154 -21.15 27.99 8.39
N ASN A 155 -21.89 26.90 8.46
CA ASN A 155 -22.34 26.40 9.76
C ASN A 155 -21.50 25.24 10.26
N ALA A 156 -20.75 25.49 11.34
CA ALA A 156 -19.89 24.46 11.92
C ALA A 156 -20.46 23.91 13.22
N ASN A 157 -21.70 24.30 13.54
CA ASN A 157 -22.35 23.86 14.76
C ASN A 157 -23.55 22.97 14.45
N ALA A 158 -23.32 21.91 13.70
CA ALA A 158 -24.40 20.99 13.34
C ALA A 158 -24.24 19.69 14.13
N GLN A 159 -23.13 19.57 14.84
CA GLN A 159 -22.84 18.39 15.63
C GLN A 159 -22.98 17.11 14.81
N TYR A 160 -22.41 17.13 13.61
CA TYR A 160 -22.48 15.98 12.71
C TYR A 160 -21.66 14.83 13.30
N PRO A 161 -22.24 13.62 13.35
CA PRO A 161 -21.52 12.47 13.88
C PRO A 161 -20.45 11.97 12.91
N ILE A 162 -19.23 11.79 13.42
CA ILE A 162 -18.13 11.28 12.61
C ILE A 162 -17.55 10.09 13.37
N GLY A 163 -16.88 9.19 12.68
CA GLY A 163 -16.32 8.06 13.38
C GLY A 163 -15.22 7.30 12.66
N CYS A 164 -14.64 6.34 13.37
CA CYS A 164 -13.58 5.49 12.85
C CYS A 164 -14.17 4.11 12.66
N PHE A 165 -14.45 3.75 11.40
CA PHE A 165 -15.03 2.45 11.07
C PHE A 165 -13.94 1.39 10.92
N HIS A 166 -14.26 0.16 11.32
CA HIS A 166 -13.30 -0.92 11.23
C HIS A 166 -13.91 -2.30 10.99
N PHE A 167 -14.93 -2.35 10.14
CA PHE A 167 -15.59 -3.61 9.81
C PHE A 167 -14.80 -4.34 8.72
N ASP A 168 -13.62 -3.80 8.41
CA ASP A 168 -12.78 -4.41 7.39
C ASP A 168 -12.13 -5.66 7.96
N GLU A 169 -12.40 -5.91 9.24
CA GLU A 169 -11.86 -7.08 9.94
C GLU A 169 -12.88 -8.19 10.00
N ALA A 170 -14.06 -7.97 9.42
CA ALA A 170 -15.13 -8.97 9.43
C ALA A 170 -15.74 -9.27 8.06
N TYR A 171 -15.51 -8.38 7.09
CA TYR A 171 -16.05 -8.54 5.75
C TYR A 171 -15.00 -8.19 4.69
N GLU A 172 -15.18 -8.71 3.48
CA GLU A 172 -14.26 -8.41 2.39
C GLU A 172 -14.41 -6.94 2.02
N THR A 173 -13.29 -6.22 1.98
CA THR A 173 -13.31 -4.81 1.65
C THR A 173 -12.24 -4.47 0.63
N ASN A 174 -12.42 -3.33 -0.04
CA ASN A 174 -11.46 -2.87 -1.04
C ASN A 174 -11.79 -1.44 -1.44
N TYR A 175 -10.83 -0.78 -2.06
CA TYR A 175 -11.00 0.59 -2.51
C TYR A 175 -10.99 0.61 -4.04
N GLY A 176 -11.42 1.73 -4.62
CA GLY A 176 -11.41 1.84 -6.06
C GLY A 176 -10.00 2.20 -6.50
N ILE A 177 -9.51 1.56 -7.56
CA ILE A 177 -8.15 1.82 -8.02
C ILE A 177 -7.86 3.30 -8.30
N ASN A 178 -8.74 3.95 -9.07
CA ASN A 178 -8.53 5.36 -9.40
C ASN A 178 -8.72 6.26 -8.18
N ASN A 179 -9.60 5.86 -7.28
CA ASN A 179 -9.86 6.63 -6.07
C ASN A 179 -8.58 6.77 -5.25
N VAL A 180 -7.88 5.66 -5.05
CA VAL A 180 -6.65 5.69 -4.28
C VAL A 180 -5.56 6.39 -5.09
N ALA A 181 -5.53 6.12 -6.38
CA ALA A 181 -4.55 6.74 -7.26
C ALA A 181 -4.69 8.25 -7.17
N ASP A 182 -5.94 8.72 -7.12
CA ASP A 182 -6.22 10.14 -7.02
C ASP A 182 -5.68 10.75 -5.74
N ILE A 183 -5.97 10.11 -4.61
CA ILE A 183 -5.51 10.60 -3.31
C ILE A 183 -3.99 10.75 -3.32
N ILE A 184 -3.31 9.81 -3.95
CA ILE A 184 -1.86 9.87 -3.98
C ILE A 184 -1.32 10.95 -4.93
N ASN A 185 -2.02 11.20 -6.03
CA ASN A 185 -1.57 12.23 -6.96
C ASN A 185 -1.73 13.59 -6.33
N LYS A 186 -2.76 13.74 -5.49
CA LYS A 186 -3.00 15.00 -4.82
C LYS A 186 -2.06 15.14 -3.63
N ALA A 187 -1.62 14.00 -3.10
CA ALA A 187 -0.69 14.01 -1.98
C ALA A 187 0.67 14.50 -2.51
N LEU A 188 1.12 13.90 -3.60
CA LEU A 188 2.39 14.26 -4.21
C LEU A 188 2.29 15.58 -4.98
N GLY A 189 1.20 15.72 -5.75
CA GLY A 189 1.00 16.92 -6.54
C GLY A 189 2.00 16.90 -7.69
N THR A 190 1.68 17.58 -8.79
CA THR A 190 2.61 17.63 -9.93
C THR A 190 3.33 18.98 -9.94
N GLU A 191 4.59 18.95 -10.39
CA GLU A 191 5.42 20.16 -10.42
C GLU A 191 4.89 21.24 -11.35
N TRP A 192 5.16 22.50 -10.99
CA TRP A 192 4.73 23.64 -11.79
C TRP A 192 5.87 24.64 -11.98
N LYS A 193 6.98 24.42 -11.28
CA LYS A 193 8.13 25.30 -11.40
C LYS A 193 8.92 24.90 -12.63
N ASN A 194 9.42 25.89 -13.37
CA ASN A 194 10.21 25.59 -14.56
C ASN A 194 11.65 25.28 -14.18
N ALA A 195 11.86 24.11 -13.57
CA ALA A 195 13.20 23.70 -13.16
C ALA A 195 14.15 23.92 -14.33
N THR A 196 13.62 23.72 -15.53
CA THR A 196 14.40 23.91 -16.74
C THR A 196 13.86 25.14 -17.47
N ARG A 197 14.64 26.21 -17.45
CA ARG A 197 14.27 27.49 -18.06
C ARG A 197 13.71 27.41 -19.47
N PRO A 198 12.64 28.20 -19.75
CA PRO A 198 12.03 28.23 -21.07
C PRO A 198 12.99 29.01 -21.95
N THR A 199 12.95 28.80 -23.26
CA THR A 199 13.84 29.54 -24.14
C THR A 199 13.70 31.04 -23.87
N ALA A 200 12.46 31.45 -23.59
CA ALA A 200 12.17 32.83 -23.27
C ALA A 200 11.71 32.86 -21.81
N ALA A 201 12.69 32.86 -20.90
CA ALA A 201 12.42 32.87 -19.47
C ALA A 201 11.84 34.21 -19.02
N VAL A 202 10.64 34.51 -19.49
CA VAL A 202 9.97 35.76 -19.15
C VAL A 202 9.06 35.57 -17.93
N THR A 203 8.71 36.68 -17.30
CA THR A 203 7.83 36.68 -16.13
C THR A 203 6.38 36.43 -16.56
N THR A 204 5.67 35.60 -15.81
CA THR A 204 4.28 35.28 -16.12
C THR A 204 3.30 35.86 -15.09
N ALA A 205 2.02 35.79 -15.40
CA ALA A 205 0.99 36.32 -14.51
C ALA A 205 0.65 35.38 -13.35
N TRP A 206 0.21 35.96 -12.23
CA TRP A 206 -0.15 35.16 -11.07
C TRP A 206 -1.36 34.32 -11.45
N SER A 207 -1.46 33.14 -10.86
CA SER A 207 -2.57 32.25 -11.16
C SER A 207 -2.86 31.31 -10.01
N GLU A 208 -4.15 31.11 -9.73
CA GLU A 208 -4.56 30.20 -8.67
C GLU A 208 -4.80 28.83 -9.28
N GLN A 209 -4.82 28.79 -10.61
CA GLN A 209 -5.04 27.55 -11.36
C GLN A 209 -3.87 26.57 -11.36
N PHE A 210 -3.61 25.94 -10.22
CA PHE A 210 -2.54 24.96 -10.13
C PHE A 210 -3.04 23.67 -10.78
N PRO A 211 -2.41 23.25 -11.89
CA PRO A 211 -2.87 22.00 -12.53
C PRO A 211 -3.08 20.89 -11.49
N ASN A 212 -2.19 20.85 -10.49
CA ASN A 212 -2.29 19.86 -9.43
C ASN A 212 -1.36 20.19 -8.27
N ILE A 213 -1.79 21.11 -7.41
CA ILE A 213 -0.99 21.51 -6.26
C ILE A 213 -1.09 20.42 -5.20
N SER A 214 -0.02 20.21 -4.46
CA SER A 214 0.01 19.19 -3.42
C SER A 214 -0.91 19.53 -2.26
N ALA A 215 -1.44 18.51 -1.61
CA ALA A 215 -2.33 18.71 -0.47
C ALA A 215 -1.49 19.10 0.75
N SER A 216 -0.18 19.15 0.56
CA SER A 216 0.75 19.52 1.62
C SER A 216 0.84 21.04 1.66
N SER A 217 0.27 21.70 0.65
CA SER A 217 0.29 23.16 0.57
C SER A 217 -1.10 23.78 0.72
N THR A 218 -2.14 22.98 0.46
CA THR A 218 -3.53 23.43 0.60
C THR A 218 -4.55 22.32 0.59
N SER A 219 -5.69 22.63 1.19
CA SER A 219 -6.82 21.71 1.27
C SER A 219 -7.15 21.16 -0.10
N ARG A 220 -7.33 19.84 -0.19
CA ARG A 220 -7.69 19.20 -1.45
C ARG A 220 -8.68 18.08 -1.24
N ASP A 221 -9.71 18.07 -2.08
CA ASP A 221 -10.78 17.09 -2.02
C ASP A 221 -10.36 15.69 -2.45
N ILE A 222 -10.81 14.69 -1.71
CA ILE A 222 -10.52 13.30 -2.04
C ILE A 222 -11.79 12.47 -1.83
N ASN A 223 -11.93 11.43 -2.63
CA ASN A 223 -13.10 10.57 -2.53
C ASN A 223 -12.68 9.11 -2.69
N ASN A 224 -12.72 8.37 -1.60
CA ASN A 224 -12.34 6.97 -1.63
C ASN A 224 -13.29 6.10 -0.80
N PRO A 225 -14.53 5.94 -1.27
CA PRO A 225 -15.55 5.14 -0.56
C PRO A 225 -15.09 3.70 -0.41
N VAL A 226 -15.33 3.12 0.76
CA VAL A 226 -14.95 1.74 1.00
C VAL A 226 -16.03 0.85 0.37
N ILE A 227 -15.60 -0.24 -0.26
CA ILE A 227 -16.54 -1.16 -0.89
C ILE A 227 -16.48 -2.50 -0.20
N VAL A 228 -17.65 -3.05 0.11
CA VAL A 228 -17.74 -4.36 0.76
C VAL A 228 -18.21 -5.38 -0.26
N ASP A 229 -17.43 -6.43 -0.47
CA ASP A 229 -17.78 -7.48 -1.42
C ASP A 229 -18.44 -8.66 -0.72
N TYR A 230 -19.40 -9.26 -1.42
CA TYR A 230 -20.10 -10.44 -0.94
C TYR A 230 -20.01 -11.45 -2.07
N SER A 231 -18.94 -12.26 -2.08
CA SER A 231 -18.73 -13.24 -3.14
C SER A 231 -19.90 -14.16 -3.39
N LEU A 232 -20.12 -14.47 -4.67
CA LEU A 232 -21.20 -15.36 -5.10
C LEU A 232 -20.60 -16.33 -6.14
N PRO A 233 -19.61 -17.14 -5.71
CA PRO A 233 -18.91 -18.12 -6.56
C PRO A 233 -19.76 -19.29 -7.07
N TYR A 234 -20.76 -19.69 -6.30
CA TYR A 234 -21.63 -20.80 -6.67
C TYR A 234 -22.88 -20.28 -7.37
N PHE A 235 -23.71 -21.20 -7.83
CA PHE A 235 -24.97 -20.82 -8.47
C PHE A 235 -25.95 -20.46 -7.37
N GLU A 236 -25.88 -21.19 -6.26
CA GLU A 236 -26.72 -20.94 -5.10
C GLU A 236 -25.78 -20.71 -3.91
N ASN A 237 -25.59 -19.43 -3.56
CA ASN A 237 -24.69 -19.04 -2.49
C ASN A 237 -25.34 -18.79 -1.13
N ASN A 238 -24.52 -18.94 -0.09
CA ASN A 238 -24.94 -18.70 1.29
C ASN A 238 -24.48 -17.27 1.52
N VAL A 239 -25.44 -16.37 1.73
CA VAL A 239 -25.17 -14.96 1.91
C VAL A 239 -25.54 -14.40 3.28
N PRO A 240 -24.74 -13.46 3.79
CA PRO A 240 -24.99 -12.84 5.10
C PRO A 240 -25.77 -11.54 4.94
N LYS A 241 -26.29 -11.03 6.05
CA LYS A 241 -27.02 -9.77 6.04
C LYS A 241 -25.97 -8.66 5.87
N ASP A 242 -26.34 -7.57 5.21
CA ASP A 242 -25.41 -6.46 5.00
C ASP A 242 -24.67 -6.12 6.29
N VAL A 243 -23.38 -5.84 6.18
CA VAL A 243 -22.58 -5.49 7.34
C VAL A 243 -23.28 -4.42 8.19
N GLY A 244 -23.31 -4.63 9.50
CA GLY A 244 -23.91 -3.66 10.39
C GLY A 244 -22.81 -2.70 10.81
N ILE A 245 -22.61 -1.66 10.01
CA ILE A 245 -21.55 -0.70 10.27
C ILE A 245 -21.54 -0.12 11.68
N TYR A 246 -22.68 -0.14 12.36
CA TYR A 246 -22.75 0.40 13.70
C TYR A 246 -22.19 -0.55 14.76
N ASP A 247 -21.78 -1.72 14.32
CA ASP A 247 -21.18 -2.70 15.24
C ASP A 247 -19.67 -2.59 15.10
N TYR A 248 -19.23 -1.67 14.24
CA TYR A 248 -17.81 -1.48 13.99
C TYR A 248 -17.41 -0.01 13.88
N VAL A 249 -17.95 0.84 14.75
CA VAL A 249 -17.62 2.25 14.69
C VAL A 249 -17.52 2.93 16.06
N ASP A 250 -16.66 3.94 16.12
CA ASP A 250 -16.45 4.73 17.34
C ASP A 250 -16.77 6.16 16.92
N ILE A 251 -17.95 6.63 17.33
CA ILE A 251 -18.42 7.96 16.97
C ILE A 251 -17.99 9.11 17.87
N LYS A 252 -17.75 10.27 17.26
CA LYS A 252 -17.36 11.48 17.96
C LYS A 252 -18.28 12.60 17.49
N ASN A 253 -18.34 13.68 18.27
CA ASN A 253 -19.17 14.83 17.91
C ASN A 253 -18.39 15.71 16.93
N GLY A 254 -18.83 15.75 15.68
CA GLY A 254 -18.16 16.54 14.67
C GLY A 254 -17.86 17.98 15.04
N THR A 255 -18.72 18.59 15.85
CA THR A 255 -18.53 19.99 16.24
C THR A 255 -17.53 20.22 17.37
N THR A 256 -17.52 19.36 18.36
CA THR A 256 -16.62 19.52 19.49
C THR A 256 -15.29 18.79 19.32
N ALA A 257 -15.26 17.80 18.43
CA ALA A 257 -14.03 17.05 18.19
C ALA A 257 -13.15 17.85 17.23
N TYR A 258 -12.43 18.83 17.80
CA TYR A 258 -11.55 19.69 17.02
C TYR A 258 -10.10 19.42 17.38
N GLY A 259 -9.36 18.77 16.48
CA GLY A 259 -7.97 18.47 16.74
C GLY A 259 -7.62 17.02 16.49
N LYS A 260 -6.68 16.50 17.28
CA LYS A 260 -6.25 15.11 17.16
C LYS A 260 -7.42 14.16 17.44
N CYS A 261 -7.75 13.32 16.48
CA CYS A 261 -8.87 12.38 16.65
C CYS A 261 -8.46 10.92 16.66
N TRP A 262 -7.65 10.53 15.70
CA TRP A 262 -7.19 9.15 15.59
C TRP A 262 -5.73 9.06 15.19
N GLU A 263 -5.08 7.99 15.63
CA GLU A 263 -3.69 7.74 15.29
C GLU A 263 -3.50 6.25 15.16
N LYS A 264 -3.02 5.81 14.00
CA LYS A 264 -2.78 4.39 13.80
C LYS A 264 -1.31 4.12 13.61
N ARG A 265 -0.85 3.05 14.24
CA ARG A 265 0.55 2.65 14.15
C ARG A 265 0.60 1.23 13.61
N PHE A 266 1.68 0.90 12.92
CA PHE A 266 1.83 -0.44 12.39
C PHE A 266 3.29 -0.81 12.24
N LYS A 267 3.67 -1.90 12.89
CA LYS A 267 5.04 -2.39 12.81
C LYS A 267 4.96 -3.69 12.00
N PRO A 268 5.10 -3.59 10.67
CA PRO A 268 5.04 -4.75 9.81
C PRO A 268 5.97 -5.90 10.16
N THR A 269 5.42 -7.11 10.13
CA THR A 269 6.16 -8.34 10.41
C THR A 269 7.11 -8.59 9.24
N ASN A 270 6.61 -8.29 8.05
CA ASN A 270 7.35 -8.45 6.81
C ASN A 270 7.26 -7.12 6.07
N GLY A 271 8.07 -6.14 6.46
CA GLY A 271 8.01 -4.87 5.77
C GLY A 271 8.91 -4.84 4.55
N LEU A 272 9.29 -6.02 4.06
CA LEU A 272 10.18 -6.12 2.92
C LEU A 272 9.65 -5.49 1.64
N LEU A 273 10.24 -4.36 1.27
CA LEU A 273 9.86 -3.64 0.06
C LEU A 273 10.57 -4.28 -1.14
N TYR A 274 11.75 -4.82 -0.90
CA TYR A 274 12.53 -5.50 -1.94
C TYR A 274 13.78 -6.13 -1.34
N ALA A 275 14.42 -6.99 -2.13
CA ALA A 275 15.64 -7.67 -1.70
C ALA A 275 16.33 -8.29 -2.90
N GLU A 276 17.65 -8.18 -2.95
CA GLU A 276 18.42 -8.74 -4.06
C GLU A 276 19.30 -9.89 -3.56
N SER A 277 19.12 -11.07 -4.15
CA SER A 277 19.91 -12.23 -3.76
C SER A 277 20.40 -13.03 -4.97
N THR A 278 20.17 -12.51 -6.17
CA THR A 278 20.61 -13.21 -7.38
C THR A 278 21.90 -12.62 -7.91
N LEU A 279 22.51 -13.34 -8.85
CA LEU A 279 23.75 -12.92 -9.47
C LEU A 279 23.46 -12.18 -10.78
N LYS A 280 22.17 -11.99 -11.07
CA LYS A 280 21.78 -11.29 -12.28
C LYS A 280 22.29 -9.86 -12.19
N GLY A 281 23.26 -9.51 -13.03
CA GLY A 281 23.80 -8.16 -12.99
C GLY A 281 23.26 -7.27 -14.09
N ASN A 282 21.99 -7.44 -14.42
CA ASN A 282 21.37 -6.67 -15.48
C ASN A 282 19.86 -6.77 -15.34
N VAL A 283 19.13 -5.95 -16.09
CA VAL A 283 17.67 -6.00 -16.02
C VAL A 283 17.17 -6.73 -17.26
N VAL A 284 18.02 -6.80 -18.27
CA VAL A 284 17.66 -7.44 -19.53
C VAL A 284 18.13 -8.88 -19.69
N THR A 285 19.33 -9.20 -19.21
CA THR A 285 19.86 -10.55 -19.37
C THR A 285 19.03 -11.68 -18.78
N PRO A 286 18.90 -12.77 -19.53
CA PRO A 286 18.15 -13.96 -19.13
C PRO A 286 19.19 -14.99 -18.69
N LEU A 287 18.77 -16.10 -18.12
CA LEU A 287 19.72 -17.12 -17.71
C LEU A 287 20.39 -17.64 -18.97
N ALA A 288 21.59 -18.20 -18.79
CA ALA A 288 22.32 -18.77 -19.91
C ALA A 288 22.45 -20.26 -19.66
N ALA A 289 22.54 -20.63 -18.39
CA ALA A 289 22.68 -22.02 -18.00
C ALA A 289 21.35 -22.63 -17.57
N GLN A 290 21.15 -23.90 -17.93
CA GLN A 290 19.92 -24.61 -17.55
C GLN A 290 20.20 -25.34 -16.25
N PRO A 291 19.15 -25.77 -15.54
CA PRO A 291 19.37 -26.49 -14.28
C PRO A 291 20.21 -27.75 -14.49
N THR A 292 21.12 -28.02 -13.56
CA THR A 292 21.98 -29.19 -13.65
C THR A 292 21.49 -30.29 -12.70
N ASN A 293 22.36 -31.25 -12.41
CA ASN A 293 21.99 -32.34 -11.50
C ASN A 293 22.40 -31.99 -10.07
N ILE A 294 23.11 -30.86 -9.92
CA ILE A 294 23.54 -30.40 -8.60
C ILE A 294 22.35 -29.73 -7.93
N MET A 295 21.94 -30.27 -6.79
CA MET A 295 20.80 -29.73 -6.06
C MET A 295 20.79 -30.27 -4.64
N THR A 296 20.59 -29.37 -3.67
CA THR A 296 20.55 -29.78 -2.28
C THR A 296 19.24 -29.28 -1.64
N PRO A 297 18.52 -30.17 -0.95
CA PRO A 297 17.26 -29.86 -0.28
C PRO A 297 17.32 -28.75 0.77
N ILE A 298 16.47 -27.74 0.61
CA ILE A 298 16.41 -26.64 1.56
C ILE A 298 15.02 -26.67 2.18
N PRO A 299 14.82 -25.99 3.32
CA PRO A 299 13.50 -25.97 3.96
C PRO A 299 12.37 -25.63 2.98
N GLY A 300 12.49 -24.50 2.29
CA GLY A 300 11.46 -24.11 1.35
C GLY A 300 10.35 -23.35 2.05
N LEU A 301 9.54 -24.07 2.82
CA LEU A 301 8.45 -23.47 3.58
C LEU A 301 7.42 -22.76 2.68
N GLU A 302 7.09 -23.41 1.57
CA GLU A 302 6.12 -22.91 0.60
C GLU A 302 5.37 -24.15 0.16
N ASN A 303 4.08 -24.23 0.49
CA ASN A 303 3.28 -25.40 0.18
C ASN A 303 2.43 -25.34 -1.09
N GLY A 304 2.50 -24.22 -1.82
CA GLY A 304 1.72 -24.11 -3.04
C GLY A 304 0.25 -23.84 -2.85
N TYR A 305 -0.12 -23.34 -1.67
CA TYR A 305 -1.50 -23.02 -1.36
C TYR A 305 -1.76 -21.52 -1.39
N PHE A 306 -2.85 -21.14 -2.04
CA PHE A 306 -3.22 -19.74 -2.15
C PHE A 306 -4.66 -19.52 -1.73
N MET A 307 -4.98 -18.28 -1.41
CA MET A 307 -6.33 -17.91 -1.05
C MET A 307 -6.87 -17.30 -2.34
N SER A 308 -7.49 -18.13 -3.18
CA SER A 308 -8.04 -17.66 -4.45
C SER A 308 -9.43 -17.07 -4.23
N ASN A 309 -9.47 -15.80 -3.86
CA ASN A 309 -10.70 -15.08 -3.60
C ASN A 309 -11.39 -15.54 -2.32
N ASP A 310 -12.41 -16.38 -2.47
CA ASP A 310 -13.17 -16.87 -1.32
C ASP A 310 -12.73 -18.23 -0.82
N GLN A 311 -12.03 -19.00 -1.65
CA GLN A 311 -11.57 -20.32 -1.26
C GLN A 311 -10.07 -20.54 -1.33
N ILE A 312 -9.64 -21.63 -0.73
CA ILE A 312 -8.25 -22.03 -0.73
C ILE A 312 -8.04 -22.88 -1.96
N ARG A 313 -6.97 -22.63 -2.71
CA ARG A 313 -6.67 -23.40 -3.89
C ARG A 313 -5.21 -23.84 -3.89
N GLU A 314 -4.97 -25.02 -4.43
CA GLU A 314 -3.62 -25.57 -4.51
C GLU A 314 -3.08 -25.23 -5.90
N ARG A 315 -1.76 -25.06 -5.99
CA ARG A 315 -1.08 -24.71 -7.23
C ARG A 315 -1.72 -25.28 -8.51
N ARG A 316 -1.88 -26.61 -8.55
CA ARG A 316 -2.44 -27.29 -9.73
C ARG A 316 -3.82 -26.86 -10.19
N ASP A 317 -4.60 -26.22 -9.32
CA ASP A 317 -5.94 -25.81 -9.71
C ASP A 317 -6.03 -24.40 -10.27
N LEU A 318 -5.01 -23.59 -10.05
CA LEU A 318 -5.02 -22.23 -10.57
C LEU A 318 -4.63 -22.31 -12.05
N THR A 319 -5.61 -22.67 -12.87
CA THR A 319 -5.42 -22.85 -14.30
C THR A 319 -5.60 -21.62 -15.18
N THR A 320 -6.19 -20.56 -14.64
CA THR A 320 -6.40 -19.34 -15.41
C THR A 320 -5.11 -18.53 -15.52
N SER A 321 -4.44 -18.35 -14.39
CA SER A 321 -3.18 -17.60 -14.35
C SER A 321 -2.13 -18.50 -13.72
N VAL A 322 -0.87 -18.29 -14.11
CA VAL A 322 0.23 -19.09 -13.58
C VAL A 322 0.55 -18.74 -12.13
N PRO A 323 0.45 -19.73 -11.23
CA PRO A 323 0.74 -19.53 -9.79
C PRO A 323 2.22 -19.22 -9.56
N PRO A 324 2.51 -18.26 -8.67
CA PRO A 324 3.90 -17.89 -8.36
C PRO A 324 4.57 -19.01 -7.58
N VAL A 325 5.86 -18.85 -7.33
CA VAL A 325 6.63 -19.83 -6.60
C VAL A 325 7.71 -19.06 -5.85
N ALA A 326 7.99 -19.44 -4.60
CA ALA A 326 8.98 -18.74 -3.79
C ALA A 326 10.43 -19.00 -4.20
N LEU A 327 10.95 -18.16 -5.08
CA LEU A 327 12.32 -18.32 -5.57
C LEU A 327 13.22 -17.22 -5.01
N THR A 328 14.52 -17.34 -5.25
CA THR A 328 15.49 -16.36 -4.78
C THR A 328 15.15 -14.95 -5.32
N ALA A 329 14.98 -14.01 -4.39
CA ALA A 329 14.60 -12.63 -4.68
C ALA A 329 15.50 -11.76 -5.55
N THR A 330 14.87 -10.79 -6.24
CA THR A 330 15.53 -9.84 -7.11
C THR A 330 14.82 -8.49 -7.09
N LYS A 331 15.54 -7.44 -7.48
CA LYS A 331 14.98 -6.09 -7.54
C LYS A 331 14.74 -5.79 -9.02
N LEU A 332 15.52 -6.43 -9.87
CA LEU A 332 15.47 -6.26 -11.31
C LEU A 332 14.21 -6.88 -11.94
N ASN A 333 13.23 -7.19 -11.11
CA ASN A 333 11.97 -7.78 -11.54
C ASN A 333 10.88 -6.73 -11.61
N GLN A 334 10.90 -5.83 -10.63
CA GLN A 334 9.93 -4.77 -10.51
C GLN A 334 10.24 -3.62 -11.46
N SER A 335 9.21 -3.06 -12.09
CA SER A 335 9.39 -1.95 -13.01
C SER A 335 9.39 -0.66 -12.18
N ALA A 336 9.75 0.45 -12.82
CA ALA A 336 9.79 1.73 -12.13
C ALA A 336 8.42 2.11 -11.61
N SER A 337 7.38 1.86 -12.41
CA SER A 337 6.02 2.18 -12.01
C SER A 337 5.54 1.27 -10.90
N ASN A 338 6.00 0.02 -10.87
CA ASN A 338 5.61 -0.90 -9.82
C ASN A 338 6.12 -0.38 -8.48
N ASN A 339 7.39 0.01 -8.44
CA ASN A 339 8.01 0.54 -7.22
C ASN A 339 7.19 1.69 -6.66
N LEU A 340 6.69 2.56 -7.53
CA LEU A 340 5.89 3.69 -7.10
C LEU A 340 4.64 3.26 -6.35
N ASN A 341 4.10 2.10 -6.69
CA ASN A 341 2.90 1.59 -6.03
C ASN A 341 3.22 0.60 -4.93
N ALA A 342 4.40 0.75 -4.34
CA ALA A 342 4.84 -0.14 -3.27
C ALA A 342 3.93 -0.05 -2.04
N PHE A 343 3.66 -1.21 -1.44
CA PHE A 343 2.84 -1.29 -0.24
C PHE A 343 3.76 -1.53 0.95
N VAL A 344 3.38 -0.96 2.09
CA VAL A 344 4.18 -1.04 3.31
C VAL A 344 4.11 -2.37 4.08
N ASP A 345 2.98 -3.06 4.03
CA ASP A 345 2.86 -4.33 4.76
C ASP A 345 3.45 -5.57 4.10
N TYR A 346 3.26 -5.73 2.79
CA TYR A 346 3.78 -6.90 2.08
C TYR A 346 3.95 -6.61 0.60
N MET A 347 5.08 -7.05 0.04
CA MET A 347 5.37 -6.80 -1.37
C MET A 347 5.69 -8.09 -2.12
N GLY A 348 5.60 -9.22 -1.44
CA GLY A 348 5.89 -10.50 -2.08
C GLY A 348 7.25 -11.10 -1.72
N TYR A 349 8.03 -10.38 -0.92
CA TYR A 349 9.34 -10.84 -0.51
C TYR A 349 9.28 -11.45 0.89
N ASN A 350 10.15 -12.44 1.14
CA ASN A 350 10.17 -13.10 2.45
C ASN A 350 11.59 -13.48 2.86
N TYR A 351 11.74 -13.78 4.15
CA TYR A 351 13.02 -14.18 4.71
C TYR A 351 13.22 -15.68 4.45
N PHE A 352 14.46 -16.09 4.30
CA PHE A 352 14.78 -17.49 4.02
C PHE A 352 14.23 -18.49 5.04
N GLY A 353 14.30 -18.14 6.32
CA GLY A 353 13.83 -19.06 7.35
C GLY A 353 12.38 -18.98 7.78
N GLU A 354 11.60 -18.08 7.16
CA GLU A 354 10.19 -17.95 7.53
C GLU A 354 9.27 -18.65 6.54
N GLN A 355 8.03 -18.88 6.97
CA GLN A 355 7.03 -19.53 6.12
C GLN A 355 6.73 -18.57 4.97
N LYS A 356 7.04 -19.00 3.75
CA LYS A 356 6.82 -18.16 2.58
C LYS A 356 5.33 -17.95 2.31
N CYS A 357 4.82 -16.79 2.68
CA CYS A 357 3.41 -16.46 2.49
C CYS A 357 3.17 -15.01 2.87
N ALA A 358 1.97 -14.52 2.59
CA ALA A 358 1.63 -13.14 2.92
C ALA A 358 1.10 -13.08 4.34
N PRO A 359 1.47 -12.02 5.09
CA PRO A 359 1.02 -11.87 6.47
C PRO A 359 -0.37 -11.25 6.41
N GLN A 360 -1.00 -11.07 7.57
CA GLN A 360 -2.31 -10.44 7.56
C GLN A 360 -2.07 -8.96 7.26
N SER A 361 -2.77 -8.44 6.27
CA SER A 361 -2.61 -7.05 5.89
C SER A 361 -2.95 -6.09 7.01
N MET A 362 -2.23 -4.99 7.09
CA MET A 362 -2.46 -3.97 8.10
C MET A 362 -3.91 -3.50 8.01
N PRO A 363 -4.51 -3.11 9.14
CA PRO A 363 -5.89 -2.65 9.19
C PRO A 363 -6.15 -1.46 8.27
N LYS A 364 -7.30 -1.44 7.62
CA LYS A 364 -7.63 -0.31 6.77
C LYS A 364 -7.89 0.86 7.71
N PHE A 365 -7.54 2.07 7.27
CA PHE A 365 -7.78 3.24 8.10
C PHE A 365 -8.97 3.95 7.49
N MET A 366 -10.17 3.54 7.91
CA MET A 366 -11.41 4.11 7.39
C MET A 366 -12.09 5.07 8.36
N ILE A 367 -12.35 6.28 7.89
CA ILE A 367 -13.02 7.29 8.70
C ILE A 367 -14.19 7.81 7.87
N GLY A 368 -15.22 8.33 8.54
CA GLY A 368 -16.35 8.84 7.78
C GLY A 368 -17.45 9.45 8.62
N PHE A 369 -18.55 9.77 7.95
CA PHE A 369 -19.70 10.37 8.60
C PHE A 369 -20.70 9.31 9.01
N VAL A 370 -21.71 9.75 9.76
CA VAL A 370 -22.80 8.90 10.18
C VAL A 370 -23.97 9.73 9.69
N ASN A 371 -24.29 9.56 8.41
CA ASN A 371 -25.34 10.30 7.72
C ASN A 371 -26.58 10.73 8.48
N ILE A 372 -26.82 12.04 8.45
CA ILE A 372 -28.00 12.63 9.06
C ILE A 372 -28.88 12.93 7.86
N ARG A 373 -30.19 12.69 7.98
CA ARG A 373 -31.09 12.94 6.85
C ARG A 373 -32.08 14.04 7.15
N ASN A 374 -32.51 14.73 6.10
CA ASN A 374 -33.46 15.82 6.23
C ASN A 374 -34.86 15.29 6.47
N GLU A 375 -35.82 16.22 6.62
CA GLU A 375 -37.20 15.84 6.88
C GLU A 375 -37.81 14.99 5.76
N ASP A 376 -37.37 15.21 4.53
CA ASP A 376 -37.87 14.45 3.39
C ASP A 376 -37.01 13.22 3.15
N ASN A 377 -36.24 12.85 4.18
CA ASN A 377 -35.36 11.69 4.15
C ASN A 377 -34.17 11.79 3.21
N SER A 378 -33.96 12.96 2.61
CA SER A 378 -32.83 13.16 1.73
C SER A 378 -31.58 13.23 2.61
N LEU A 379 -30.41 13.21 2.01
CA LEU A 379 -29.17 13.25 2.77
C LEU A 379 -28.74 14.67 3.12
N LEU A 380 -28.41 14.90 4.39
CA LEU A 380 -27.95 16.21 4.84
C LEU A 380 -26.46 16.30 4.56
N ASN A 381 -26.11 16.94 3.44
CA ASN A 381 -24.72 17.09 3.03
C ASN A 381 -23.84 17.89 4.00
N ALA A 382 -22.59 17.45 4.13
CA ALA A 382 -21.64 18.09 5.02
C ALA A 382 -20.23 17.93 4.44
N LYS A 383 -19.34 18.86 4.78
CA LYS A 383 -17.97 18.81 4.31
C LYS A 383 -17.03 18.75 5.50
N TRP A 384 -16.13 17.78 5.48
CA TRP A 384 -15.19 17.57 6.58
C TRP A 384 -13.74 17.88 6.21
N ASP A 385 -13.11 18.77 6.98
CA ASP A 385 -11.72 19.14 6.75
C ASP A 385 -10.83 18.43 7.75
N ILE A 386 -9.87 17.66 7.25
CA ILE A 386 -8.97 16.93 8.12
C ILE A 386 -7.51 17.20 7.76
N LEU A 387 -6.63 16.99 8.72
CA LEU A 387 -5.19 17.15 8.52
C LEU A 387 -4.58 15.80 8.81
N ILE A 388 -3.68 15.36 7.94
CA ILE A 388 -3.05 14.07 8.14
C ILE A 388 -1.54 14.17 8.26
N LYS A 389 -1.00 13.49 9.26
CA LYS A 389 0.44 13.46 9.47
C LYS A 389 0.86 12.02 9.22
N THR A 390 1.95 11.84 8.49
CA THR A 390 2.44 10.49 8.22
C THR A 390 3.92 10.40 8.57
N ARG A 391 4.29 9.31 9.23
CA ARG A 391 5.68 9.08 9.62
C ARG A 391 6.06 7.66 9.25
N ILE A 392 7.30 7.44 8.86
CA ILE A 392 7.75 6.11 8.50
C ILE A 392 9.24 5.89 8.82
N ARG A 393 9.57 4.70 9.30
CA ARG A 393 10.95 4.37 9.60
C ARG A 393 11.28 3.10 8.84
N LEU A 394 12.38 3.14 8.08
CA LEU A 394 12.80 1.97 7.31
C LEU A 394 14.22 1.60 7.66
N THR A 395 14.63 0.41 7.26
CA THR A 395 15.99 -0.08 7.52
C THR A 395 16.58 -0.61 6.23
N GLY A 396 17.68 0.01 5.79
CA GLY A 396 18.34 -0.43 4.58
C GLY A 396 19.54 -1.30 4.90
N LEU A 397 19.78 -2.29 4.07
CA LEU A 397 20.90 -3.20 4.27
C LEU A 397 21.74 -3.23 3.00
N GLN A 398 23.06 -3.34 3.18
CA GLN A 398 23.97 -3.43 2.05
C GLN A 398 24.93 -4.56 2.42
N SER A 399 24.71 -5.72 1.80
CA SER A 399 25.53 -6.90 2.06
C SER A 399 26.94 -6.73 1.50
N THR A 400 27.77 -5.98 2.24
CA THR A 400 29.14 -5.73 1.82
C THR A 400 30.16 -6.60 2.55
N ARG A 401 29.70 -7.37 3.53
CA ARG A 401 30.62 -8.21 4.30
C ARG A 401 31.27 -9.32 3.46
N GLU A 402 30.44 -10.12 2.78
CA GLU A 402 30.96 -11.20 1.96
C GLU A 402 30.95 -10.84 0.48
N TRP A 403 30.98 -9.55 0.18
CA TRP A 403 30.95 -9.11 -1.21
C TRP A 403 31.52 -7.70 -1.43
N VAL A 404 32.75 -7.65 -1.94
CA VAL A 404 33.39 -6.37 -2.23
C VAL A 404 33.20 -6.09 -3.72
N ALA A 405 32.24 -5.21 -4.03
CA ALA A 405 31.93 -4.88 -5.41
C ALA A 405 32.88 -3.86 -6.01
N ARG A 406 33.19 -4.02 -7.29
CA ARG A 406 34.07 -3.09 -7.99
C ARG A 406 33.28 -2.28 -9.02
N THR A 407 31.95 -2.32 -8.90
CA THR A 407 31.05 -1.57 -9.79
C THR A 407 29.94 -0.97 -8.92
N ASP A 408 29.11 -0.11 -9.51
CA ASP A 408 28.04 0.52 -8.75
C ASP A 408 26.89 -0.45 -8.47
N ARG A 409 26.95 -1.63 -9.08
CA ARG A 409 25.91 -2.64 -8.88
C ARG A 409 25.78 -2.98 -7.41
N ILE A 410 24.55 -3.00 -6.92
CA ILE A 410 24.31 -3.30 -5.52
C ILE A 410 24.72 -4.74 -5.19
N PRO A 411 25.43 -4.93 -4.05
CA PRO A 411 25.87 -6.25 -3.64
C PRO A 411 24.67 -7.10 -3.18
N PRO A 412 24.56 -8.32 -3.72
CA PRO A 412 23.45 -9.21 -3.36
C PRO A 412 23.66 -10.02 -2.10
N GLN A 413 22.57 -10.35 -1.42
CA GLN A 413 22.63 -11.19 -0.23
C GLN A 413 22.60 -12.58 -0.84
N TYR A 414 23.77 -13.02 -1.30
CA TYR A 414 23.93 -14.29 -2.00
C TYR A 414 24.29 -15.57 -1.24
N PHE A 415 25.51 -15.64 -0.70
CA PHE A 415 25.98 -16.85 -0.03
C PHE A 415 25.45 -17.27 1.33
N THR A 416 25.82 -16.55 2.39
CA THR A 416 25.38 -16.90 3.75
C THR A 416 23.88 -17.17 3.85
N SER A 417 23.08 -16.42 3.11
CA SER A 417 21.64 -16.60 3.13
C SER A 417 21.00 -15.91 1.93
N GLN A 418 19.76 -16.25 1.65
CA GLN A 418 19.06 -15.67 0.51
C GLN A 418 17.62 -15.28 0.77
N TYR A 419 17.24 -14.09 0.32
CA TYR A 419 15.88 -13.61 0.45
C TYR A 419 15.11 -14.29 -0.68
N THR A 420 13.79 -14.40 -0.55
CA THR A 420 13.00 -15.04 -1.60
C THR A 420 11.79 -14.19 -1.94
N GLN A 421 11.29 -14.35 -3.16
CA GLN A 421 10.10 -13.62 -3.58
C GLN A 421 9.23 -14.47 -4.47
N PHE A 422 7.93 -14.21 -4.44
CA PHE A 422 6.99 -14.95 -5.25
C PHE A 422 7.03 -14.49 -6.70
N ARG A 423 7.79 -15.22 -7.50
CA ARG A 423 7.94 -14.91 -8.91
C ARG A 423 7.97 -16.23 -9.67
N TYR A 424 8.47 -16.19 -10.91
CA TYR A 424 8.43 -17.36 -11.79
C TYR A 424 9.82 -17.82 -12.18
N PRO A 425 9.98 -19.11 -12.52
CA PRO A 425 11.28 -19.63 -12.93
C PRO A 425 11.97 -18.72 -13.93
N ASN A 426 11.18 -18.03 -14.73
CA ASN A 426 11.73 -17.07 -15.70
C ASN A 426 11.86 -15.78 -14.89
N ILE A 427 13.06 -15.50 -14.41
CA ILE A 427 13.28 -14.32 -13.57
C ILE A 427 12.84 -12.99 -14.16
N ASN A 428 12.63 -12.93 -15.48
CA ASN A 428 12.22 -11.68 -16.10
C ASN A 428 10.71 -11.48 -16.13
N GLU A 429 9.95 -12.52 -15.80
CA GLU A 429 8.49 -12.44 -15.78
C GLU A 429 8.09 -11.53 -14.62
N THR A 430 7.01 -10.77 -14.79
CA THR A 430 6.57 -9.89 -13.72
C THR A 430 6.23 -10.74 -12.50
N PRO A 431 6.74 -10.35 -11.32
CA PRO A 431 6.49 -11.10 -10.08
C PRO A 431 5.02 -11.05 -9.70
N LEU A 432 4.67 -11.72 -8.60
CA LEU A 432 3.30 -11.70 -8.12
C LEU A 432 3.09 -10.28 -7.61
N LEU A 433 2.22 -9.52 -8.27
CA LEU A 433 1.98 -8.14 -7.86
C LEU A 433 0.88 -7.97 -6.82
N ARG A 434 0.89 -6.79 -6.21
CA ARG A 434 -0.05 -6.44 -5.17
C ARG A 434 -1.26 -5.73 -5.80
N SER A 435 -2.47 -6.23 -5.52
CA SER A 435 -3.68 -5.61 -6.06
C SER A 435 -3.81 -4.18 -5.58
N LEU A 436 -3.88 -3.24 -6.52
CA LEU A 436 -4.00 -1.82 -6.19
C LEU A 436 -5.30 -1.52 -5.47
N GLY A 437 -6.31 -2.35 -5.70
CA GLY A 437 -7.61 -2.15 -5.05
C GLY A 437 -7.58 -2.42 -3.55
N THR A 438 -6.39 -2.70 -3.02
CA THR A 438 -6.23 -2.97 -1.59
C THR A 438 -7.28 -3.96 -1.08
N PHE A 439 -7.26 -5.17 -1.62
CA PHE A 439 -8.21 -6.21 -1.22
C PHE A 439 -7.85 -6.87 0.11
N LYS A 440 -8.88 -7.26 0.85
CA LYS A 440 -8.72 -7.94 2.12
C LYS A 440 -9.43 -9.26 1.90
N LEU A 441 -8.67 -10.32 1.64
CA LEU A 441 -9.25 -11.64 1.40
C LEU A 441 -9.43 -12.41 2.71
N PRO A 442 -10.28 -13.46 2.68
CA PRO A 442 -10.50 -14.25 3.89
C PRO A 442 -9.18 -14.61 4.57
N THR A 443 -9.17 -14.49 5.90
CA THR A 443 -8.02 -14.74 6.78
C THR A 443 -7.24 -13.43 6.88
N LYS A 444 -7.85 -12.37 6.37
CA LYS A 444 -7.29 -11.02 6.41
C LYS A 444 -5.95 -10.82 5.70
N ARG A 445 -5.78 -11.43 4.53
CA ARG A 445 -4.54 -11.26 3.79
C ARG A 445 -4.75 -10.35 2.58
N PRO A 446 -3.68 -9.67 2.15
CA PRO A 446 -3.73 -8.76 0.99
C PRO A 446 -3.97 -9.46 -0.33
N GLY A 447 -4.89 -8.94 -1.12
CA GLY A 447 -5.15 -9.54 -2.42
C GLY A 447 -4.00 -9.25 -3.36
N MET A 448 -3.61 -10.23 -4.17
CA MET A 448 -2.50 -10.07 -5.09
C MET A 448 -2.84 -10.62 -6.49
N ASP A 449 -2.21 -10.06 -7.51
CA ASP A 449 -2.44 -10.47 -8.89
C ASP A 449 -1.33 -11.34 -9.45
N SER A 450 -1.69 -12.18 -10.41
CA SER A 450 -0.72 -13.05 -11.07
C SER A 450 -0.81 -12.70 -12.55
N ARG A 451 -0.46 -11.45 -12.86
CA ARG A 451 -0.50 -10.91 -14.22
C ARG A 451 0.11 -11.73 -15.35
N ILE A 452 0.48 -12.98 -15.07
CA ILE A 452 1.05 -13.84 -16.09
C ILE A 452 -0.05 -14.80 -16.57
N ALA A 453 -0.56 -14.54 -17.77
CA ALA A 453 -1.63 -15.35 -18.36
C ALA A 453 -1.18 -16.78 -18.65
N ALA A 454 -2.03 -17.74 -18.32
CA ALA A 454 -1.73 -19.15 -18.54
C ALA A 454 -2.42 -19.66 -19.80
#